data_7UIN
#
_entry.id   7UIN
#
_cell.length_a   1.00
_cell.length_b   1.00
_cell.length_c   1.00
_cell.angle_alpha   90.00
_cell.angle_beta   90.00
_cell.angle_gamma   90.00
#
_symmetry.space_group_name_H-M   'P 1'
#
loop_
_entity.id
_entity.type
_entity.pdbx_description
1 polymer 'E.r IIC Intron'
2 polymer 'Group II intron reverse transcriptase/maturase'
3 polymer 'DNA (37-MER)'
4 non-polymer 'MAGNESIUM ION'
5 non-polymer 'AMMONIUM ION'
6 water water
#
loop_
_entity_poly.entity_id
_entity_poly.type
_entity_poly.pdbx_seq_one_letter_code
_entity_poly.pdbx_strand_id
1 'polyribonucleotide'
;GUUUGCGCGCCAUGGGCGCGCUCUAACGGGUGUAAGUCCCGAACAUGCCCAGGUAGUGGGAAAUGUAUAGCCGAACAGCA
AGGGUGUCUACUGUGAGGUGGAAUCUGAAGGAAGCUGUAAGCGAAUCUCUGGUCCGACGGACAGAAAUCGCAUAUAAGGC
UAGGCUUCGAGUGAUAAGCUGGCAAAGAACAGUGAAGUCUAAUAACUACCACGUUUGUAGAAGCAGAGUAAAUGCGGCGG
AUAUAUGGAGAGAAAGAGCGUGCACCUUAAGCGUGGAGGUCUCACAGAGGUUUCAUUAGCCUAGUAACAACGAACUGUGA
GAAGUCAGCCGAGCCCAUAGUAGUGAAGAAGUCUCUGUAAUGGGGAUGGAGCGAAGGGGCGAACAAUCAUUCAGUUUGAG
AAUGUCUCGUAUUGCAGAAAUGACAACAUCUGCCGUAACCAAUCGGGUAAAAGGUGGUCAAAUCAAGCGAGACGGAAAGG
AAAGAACGCAUGGACACAAGUAAUCUAAUUUCGGUUAGAUUACUACAUCGAAAAGUGUGUUACUUGUUAAGUUGAUUGAA
CCGCCGUAUACGGAACCGUACGUACGGUGGUGUGAGAGGUCGGAAUUUCUCAAUUAAGAGAAAUUCUUCCUACUCGAU
;
B
2 'polypeptide(L)'
;MDTSNLMEQILSSDNLNRAYLQVVRNKGAEGVDGMKYTELKEHLAKNGETIKGQLRTRKYKPQPARRVEIPKPDGGVRNL
GVPTVTDRFIQQAIAQVLTPIYEEQFHDHSYGFRPNRCAQQAILTALNIMNDGNDWIVDIDLEKFFDTVNHDKLMTLIGR
TIKDGDVISIVRKYLVSGIMIDDEYEDSIVGTPQGGNLSPLLANIMLNELDKEMEKRGLNFVRYADDCIIMVGSEMSANR
VMRNISRFIEEKLGLKVNMTKSKVDRPSGLKYLGFGFYFDPRAHQFKAKPHAKSVAKFKKRMKELTCRSWGVSNSYKVEK
LNQLIRGWINYFKIGSMKTLCKELDSRIRYRLRMCIWKQWKTPQNQEKNLVKLGIDRNTARRVAYTGKRIAYVCNKGAVN
VAISNKRLASFGLISMLDYYIEKCVTC
;
D
3 'polydeoxyribonucleotide'
;(DG)(DA)(DG)(DA)(DG)(DC)(DA)(DG)(DG)(DG)(DG)(DC)(DT)(DA)(DT)(DG)(DA)(DA)(DC)(DC)
(DT)(DG)(DC)(DT)(DC)(DT)(DC)(DA)(DT)(DT)(DT)(DC)(DT)(DT)(DT)(DT)(DG)
;
A
#
# COMPACT_ATOMS: atom_id res chain seq x y z
N ASN B 5 -32.55 -13.70 4.73
CA ASN B 5 -32.38 -13.53 3.30
C ASN B 5 -30.93 -13.25 2.94
N LEU B 6 -30.20 -12.63 3.88
CA LEU B 6 -28.82 -12.27 3.59
C LEU B 6 -27.91 -13.48 3.62
N MET B 7 -28.25 -14.51 4.40
CA MET B 7 -27.52 -15.77 4.28
C MET B 7 -27.89 -16.50 3.00
N GLU B 8 -29.10 -16.30 2.49
CA GLU B 8 -29.44 -16.83 1.18
C GLU B 8 -28.66 -16.12 0.09
N GLN B 9 -28.33 -14.84 0.32
CA GLN B 9 -27.47 -14.12 -0.61
C GLN B 9 -26.00 -14.51 -0.45
N ILE B 10 -25.57 -14.85 0.77
CA ILE B 10 -24.23 -15.42 0.94
C ILE B 10 -24.18 -16.78 0.29
N LEU B 11 -25.13 -17.65 0.62
CA LEU B 11 -25.16 -19.02 0.10
C LEU B 11 -26.02 -19.06 -1.16
N SER B 12 -25.51 -18.35 -2.18
CA SER B 12 -26.00 -18.43 -3.55
C SER B 12 -24.79 -18.69 -4.42
N SER B 13 -25.01 -19.48 -5.48
CA SER B 13 -23.92 -20.17 -6.18
C SER B 13 -22.95 -19.20 -6.85
N ASP B 14 -23.47 -18.06 -7.33
CA ASP B 14 -22.62 -17.03 -7.92
C ASP B 14 -21.65 -16.47 -6.90
N ASN B 15 -22.14 -16.20 -5.69
CA ASN B 15 -21.30 -15.61 -4.65
C ASN B 15 -20.27 -16.62 -4.14
N LEU B 16 -20.64 -17.90 -4.08
CA LEU B 16 -19.72 -18.92 -3.60
C LEU B 16 -18.60 -19.11 -4.63
N ASN B 17 -18.97 -19.10 -5.91
CA ASN B 17 -17.97 -19.22 -6.98
C ASN B 17 -17.06 -18.01 -7.01
N ARG B 18 -17.60 -16.80 -6.81
CA ARG B 18 -16.76 -15.60 -6.79
C ARG B 18 -15.82 -15.58 -5.60
N ALA B 19 -16.28 -16.07 -4.44
CA ALA B 19 -15.39 -16.17 -3.28
C ALA B 19 -14.29 -17.19 -3.51
N TYR B 20 -14.62 -18.31 -4.17
CA TYR B 20 -13.63 -19.31 -4.55
C TYR B 20 -12.60 -18.73 -5.53
N LEU B 21 -13.08 -17.99 -6.53
CA LEU B 21 -12.20 -17.40 -7.53
C LEU B 21 -11.29 -16.34 -6.91
N GLN B 22 -11.83 -15.54 -5.98
CA GLN B 22 -11.01 -14.54 -5.31
C GLN B 22 -9.99 -15.17 -4.38
N VAL B 23 -10.33 -16.32 -3.77
CA VAL B 23 -9.35 -16.99 -2.92
C VAL B 23 -8.23 -17.58 -3.75
N VAL B 24 -8.56 -18.21 -4.90
CA VAL B 24 -7.50 -18.80 -5.71
C VAL B 24 -6.74 -17.73 -6.48
N ARG B 25 -7.33 -16.54 -6.65
CA ARG B 25 -6.56 -15.41 -7.17
C ARG B 25 -5.63 -14.85 -6.11
N ASN B 26 -6.03 -14.93 -4.84
CA ASN B 26 -5.17 -14.46 -3.77
C ASN B 26 -3.97 -15.38 -3.57
N LYS B 27 -4.18 -16.70 -3.72
CA LYS B 27 -3.15 -17.74 -3.56
C LYS B 27 -2.46 -17.67 -2.19
N GLY B 28 -3.24 -17.47 -1.13
CA GLY B 28 -2.72 -17.33 0.20
C GLY B 28 -2.34 -18.65 0.83
N ALA B 29 -1.78 -18.58 2.04
CA ALA B 29 -1.33 -19.77 2.75
C ALA B 29 -2.52 -20.61 3.22
N GLU B 30 -2.23 -21.87 3.57
CA GLU B 30 -3.30 -22.86 3.72
C GLU B 30 -4.04 -22.69 5.04
N GLY B 31 -3.31 -22.53 6.15
CA GLY B 31 -3.91 -22.38 7.45
C GLY B 31 -3.57 -23.54 8.37
N VAL B 32 -4.51 -23.82 9.29
CA VAL B 32 -4.32 -24.91 10.24
C VAL B 32 -4.84 -26.22 9.67
N ASP B 33 -5.69 -26.15 8.64
CA ASP B 33 -6.20 -27.38 8.03
C ASP B 33 -5.21 -27.93 7.01
N GLY B 34 -4.36 -27.07 6.47
CA GLY B 34 -3.39 -27.46 5.47
C GLY B 34 -3.96 -27.65 4.08
N MET B 35 -5.20 -27.24 3.83
CA MET B 35 -5.85 -27.55 2.58
C MET B 35 -5.37 -26.58 1.50
N LYS B 36 -5.12 -27.11 0.31
CA LYS B 36 -4.69 -26.28 -0.80
C LYS B 36 -5.85 -25.44 -1.34
N TYR B 37 -5.50 -24.31 -1.95
CA TYR B 37 -6.50 -23.53 -2.66
C TYR B 37 -6.93 -24.22 -3.94
N THR B 38 -6.07 -25.08 -4.50
CA THR B 38 -6.48 -25.94 -5.60
C THR B 38 -7.36 -27.08 -5.10
N GLU B 39 -7.28 -27.41 -3.79
CA GLU B 39 -8.11 -28.45 -3.21
C GLU B 39 -9.51 -27.93 -2.92
N LEU B 40 -9.70 -26.60 -3.02
CA LEU B 40 -10.95 -25.99 -2.61
C LEU B 40 -12.09 -26.37 -3.55
N LYS B 41 -11.80 -26.54 -4.84
CA LYS B 41 -12.83 -26.88 -5.82
C LYS B 41 -13.35 -28.29 -5.57
N GLU B 42 -12.44 -29.22 -5.25
CA GLU B 42 -12.84 -30.57 -4.90
C GLU B 42 -13.63 -30.60 -3.60
N HIS B 43 -13.19 -29.82 -2.61
CA HIS B 43 -13.92 -29.87 -1.34
C HIS B 43 -15.25 -29.14 -1.40
N LEU B 44 -15.38 -28.13 -2.28
CA LEU B 44 -16.70 -27.56 -2.55
C LEU B 44 -17.59 -28.53 -3.28
N ALA B 45 -17.05 -29.26 -4.26
CA ALA B 45 -17.87 -30.23 -4.99
C ALA B 45 -18.27 -31.42 -4.12
N LYS B 46 -17.57 -31.65 -3.01
CA LYS B 46 -17.88 -32.81 -2.20
C LYS B 46 -18.54 -32.44 -0.86
N ASN B 47 -18.42 -31.18 -0.41
CA ASN B 47 -19.12 -30.58 0.74
C ASN B 47 -19.91 -29.31 0.47
N GLY B 48 -20.51 -29.11 -0.71
CA GLY B 48 -21.35 -27.93 -0.90
C GLY B 48 -22.57 -27.93 0.03
N GLU B 49 -23.27 -29.07 0.08
CA GLU B 49 -24.42 -29.21 0.96
C GLU B 49 -24.00 -29.16 2.42
N THR B 50 -22.82 -29.75 2.74
CA THR B 50 -22.33 -29.78 4.12
C THR B 50 -21.98 -28.38 4.61
N ILE B 51 -21.28 -27.59 3.79
CA ILE B 51 -20.89 -26.23 4.15
C ILE B 51 -22.13 -25.34 4.29
N LYS B 52 -23.04 -25.42 3.32
CA LYS B 52 -24.24 -24.57 3.36
C LYS B 52 -25.15 -24.94 4.53
N GLY B 53 -25.33 -26.23 4.80
CA GLY B 53 -26.15 -26.63 5.94
C GLY B 53 -25.51 -26.32 7.28
N GLN B 54 -24.19 -26.49 7.39
CA GLN B 54 -23.48 -26.17 8.62
C GLN B 54 -23.49 -24.68 8.90
N LEU B 55 -23.58 -23.86 7.86
CA LEU B 55 -23.72 -22.43 8.10
C LEU B 55 -25.17 -22.05 8.39
N ARG B 56 -26.14 -22.65 7.69
CA ARG B 56 -27.53 -22.25 7.87
C ARG B 56 -28.10 -22.73 9.20
N THR B 57 -27.59 -23.83 9.74
CA THR B 57 -28.03 -24.27 11.05
C THR B 57 -27.11 -23.82 12.18
N ARG B 58 -26.22 -22.86 11.89
CA ARG B 58 -25.34 -22.19 12.85
C ARG B 58 -24.40 -23.14 13.59
N LYS B 59 -24.07 -24.28 12.99
CA LYS B 59 -23.18 -25.24 13.62
C LYS B 59 -21.74 -25.13 13.12
N TYR B 60 -21.41 -24.09 12.35
CA TYR B 60 -20.14 -24.06 11.65
C TYR B 60 -19.01 -23.62 12.59
N LYS B 61 -17.76 -23.87 12.17
CA LYS B 61 -16.65 -23.88 13.12
C LYS B 61 -16.04 -22.52 13.44
N PRO B 62 -15.78 -21.61 12.46
CA PRO B 62 -14.61 -20.74 12.47
C PRO B 62 -13.39 -21.32 13.17
N GLN B 63 -12.79 -22.30 12.51
CA GLN B 63 -11.63 -22.96 13.06
C GLN B 63 -10.43 -22.00 13.07
N PRO B 64 -9.77 -21.82 14.23
CA PRO B 64 -8.57 -20.99 14.31
C PRO B 64 -7.30 -21.80 14.26
N GLY B 81 -0.93 -14.45 11.64
CA GLY B 81 -1.91 -15.50 11.50
C GLY B 81 -2.61 -15.51 10.16
N VAL B 82 -2.79 -16.70 9.59
CA VAL B 82 -3.44 -16.86 8.29
C VAL B 82 -4.68 -17.72 8.50
N PRO B 83 -5.85 -17.30 7.99
CA PRO B 83 -7.04 -18.14 8.14
C PRO B 83 -6.95 -19.40 7.30
N THR B 84 -7.73 -20.41 7.70
CA THR B 84 -7.87 -21.60 6.87
C THR B 84 -8.64 -21.24 5.61
N VAL B 85 -8.46 -22.07 4.59
CA VAL B 85 -8.94 -21.76 3.25
C VAL B 85 -10.46 -21.77 3.21
N THR B 86 -11.09 -22.69 3.95
CA THR B 86 -12.55 -22.67 4.07
C THR B 86 -13.02 -21.46 4.88
N ASP B 87 -12.29 -21.12 5.94
CA ASP B 87 -12.63 -19.94 6.74
C ASP B 87 -12.45 -18.65 5.93
N ARG B 88 -11.32 -18.52 5.23
CA ARG B 88 -11.08 -17.35 4.40
C ARG B 88 -12.07 -17.28 3.26
N PHE B 89 -12.51 -18.43 2.78
CA PHE B 89 -13.47 -18.50 1.68
C PHE B 89 -14.87 -18.04 2.12
N ILE B 90 -15.31 -18.46 3.30
CA ILE B 90 -16.61 -18.00 3.82
C ILE B 90 -16.54 -16.51 4.20
N GLN B 91 -15.39 -16.07 4.73
CA GLN B 91 -15.15 -14.65 4.97
C GLN B 91 -15.25 -13.83 3.69
N GLN B 92 -14.71 -14.36 2.60
CA GLN B 92 -14.85 -13.73 1.30
C GLN B 92 -16.31 -13.63 0.88
N ALA B 93 -17.08 -14.70 1.09
CA ALA B 93 -18.48 -14.70 0.66
C ALA B 93 -19.30 -13.65 1.42
N ILE B 94 -19.11 -13.58 2.74
CA ILE B 94 -19.78 -12.56 3.55
C ILE B 94 -19.28 -11.17 3.17
N ALA B 95 -18.00 -11.03 2.82
CA ALA B 95 -17.48 -9.72 2.45
C ALA B 95 -18.01 -9.26 1.10
N GLN B 96 -18.14 -10.17 0.14
CA GLN B 96 -18.71 -9.81 -1.16
C GLN B 96 -20.19 -9.45 -1.03
N VAL B 97 -20.89 -10.01 -0.03
CA VAL B 97 -22.30 -9.64 0.09
C VAL B 97 -22.46 -8.38 0.95
N LEU B 98 -21.47 -8.07 1.78
CA LEU B 98 -21.67 -7.00 2.76
C LEU B 98 -20.86 -5.75 2.43
N THR B 99 -19.97 -5.84 1.44
CA THR B 99 -19.32 -4.63 0.93
C THR B 99 -20.29 -3.69 0.22
N PRO B 100 -21.26 -4.15 -0.60
CA PRO B 100 -22.40 -3.28 -0.91
C PRO B 100 -23.26 -3.02 0.32
N ILE B 101 -24.18 -2.07 0.16
CA ILE B 101 -25.12 -1.41 1.11
C ILE B 101 -24.36 -0.72 2.25
N TYR B 102 -23.39 -1.41 2.86
CA TYR B 102 -22.42 -0.74 3.72
C TYR B 102 -21.61 0.29 2.93
N GLU B 103 -21.23 -0.03 1.69
CA GLU B 103 -20.59 0.97 0.84
C GLU B 103 -21.56 2.08 0.46
N GLU B 104 -22.85 1.76 0.38
CA GLU B 104 -23.85 2.77 0.07
C GLU B 104 -24.02 3.76 1.22
N GLN B 105 -23.85 3.30 2.46
CA GLN B 105 -24.00 4.19 3.61
C GLN B 105 -22.73 4.97 3.94
N PHE B 106 -21.64 4.76 3.21
CA PHE B 106 -20.35 5.29 3.63
C PHE B 106 -20.16 6.73 3.17
N HIS B 107 -19.13 7.37 3.73
CA HIS B 107 -18.82 8.75 3.41
C HIS B 107 -17.97 8.82 2.15
N ASP B 108 -17.91 10.03 1.58
CA ASP B 108 -17.17 10.26 0.34
C ASP B 108 -15.67 10.29 0.56
N HIS B 109 -15.20 10.82 1.69
CA HIS B 109 -13.77 10.96 1.93
C HIS B 109 -13.19 9.77 2.68
N SER B 110 -13.75 8.58 2.49
CA SER B 110 -13.17 7.34 2.97
C SER B 110 -12.66 6.55 1.78
N TYR B 111 -11.39 6.12 1.83
CA TYR B 111 -10.71 5.60 0.65
C TYR B 111 -10.03 4.26 0.82
N GLY B 112 -10.09 3.63 2.00
CA GLY B 112 -9.33 2.43 2.26
C GLY B 112 -10.17 1.17 2.22
N PHE B 113 -9.68 0.19 1.46
CA PHE B 113 -10.33 -1.10 1.24
C PHE B 113 -11.76 -0.93 0.76
N ARG B 114 -11.94 -0.04 -0.18
CA ARG B 114 -13.20 0.19 -0.85
C ARG B 114 -12.97 0.04 -2.34
N PRO B 115 -13.98 -0.38 -3.10
CA PRO B 115 -13.84 -0.43 -4.55
C PRO B 115 -13.69 0.97 -5.14
N ASN B 116 -12.84 1.05 -6.18
CA ASN B 116 -12.51 2.28 -6.92
C ASN B 116 -11.97 3.38 -6.02
N ARG B 117 -11.20 3.01 -5.00
CA ARG B 117 -10.61 3.96 -4.07
C ARG B 117 -9.16 3.59 -3.86
N CYS B 118 -8.33 4.59 -3.54
CA CYS B 118 -6.90 4.38 -3.36
C CYS B 118 -6.34 5.50 -2.49
N ALA B 119 -5.01 5.47 -2.31
CA ALA B 119 -4.31 6.50 -1.56
C ALA B 119 -4.15 7.80 -2.37
N GLN B 120 -4.08 7.68 -3.70
CA GLN B 120 -3.95 8.85 -4.58
C GLN B 120 -5.13 9.79 -4.43
N GLN B 121 -6.33 9.23 -4.33
CA GLN B 121 -7.54 10.02 -4.15
C GLN B 121 -7.50 10.76 -2.82
N ALA B 122 -6.98 10.11 -1.79
CA ALA B 122 -6.88 10.72 -0.48
C ALA B 122 -5.92 11.89 -0.49
N ILE B 123 -4.79 11.74 -1.19
CA ILE B 123 -3.82 12.83 -1.24
C ILE B 123 -4.34 13.99 -2.08
N LEU B 124 -5.04 13.69 -3.19
CA LEU B 124 -5.67 14.74 -3.99
C LEU B 124 -6.71 15.52 -3.19
N THR B 125 -7.56 14.81 -2.45
CA THR B 125 -8.60 15.49 -1.68
C THR B 125 -8.00 16.27 -0.50
N ALA B 126 -6.99 15.71 0.16
CA ALA B 126 -6.31 16.41 1.24
C ALA B 126 -5.64 17.68 0.74
N LEU B 127 -5.03 17.61 -0.45
CA LEU B 127 -4.43 18.79 -1.06
C LEU B 127 -5.46 19.84 -1.39
N ASN B 128 -6.61 19.43 -1.93
CA ASN B 128 -7.65 20.40 -2.28
C ASN B 128 -8.21 21.10 -1.04
N ILE B 129 -8.37 20.35 0.05
CA ILE B 129 -8.87 20.96 1.28
C ILE B 129 -7.83 21.89 1.91
N MET B 130 -6.54 21.51 1.88
CA MET B 130 -5.50 22.42 2.37
C MET B 130 -5.39 23.65 1.49
N ASN B 131 -5.68 23.52 0.19
CA ASN B 131 -5.71 24.66 -0.72
C ASN B 131 -6.94 25.53 -0.53
N ASP B 132 -8.00 24.98 0.07
CA ASP B 132 -9.09 25.84 0.52
C ASP B 132 -8.60 26.75 1.64
N GLY B 133 -7.67 26.28 2.48
CA GLY B 133 -7.09 27.13 3.49
C GLY B 133 -7.04 26.48 4.86
N ASN B 134 -7.28 25.17 4.91
CA ASN B 134 -7.32 24.43 6.16
C ASN B 134 -5.92 23.91 6.46
N ASP B 135 -5.09 24.81 6.97
CA ASP B 135 -3.66 24.50 7.13
C ASP B 135 -3.43 23.49 8.25
N TRP B 136 -4.07 23.67 9.40
CA TRP B 136 -3.72 22.87 10.56
C TRP B 136 -4.32 21.48 10.47
N ILE B 137 -3.49 20.46 10.70
CA ILE B 137 -3.86 19.07 10.48
C ILE B 137 -4.01 18.39 11.82
N VAL B 138 -5.12 17.69 12.02
CA VAL B 138 -5.34 16.86 13.20
C VAL B 138 -5.07 15.42 12.81
N ASP B 139 -3.95 14.87 13.29
CA ASP B 139 -3.59 13.48 13.07
C ASP B 139 -4.20 12.65 14.20
N ILE B 140 -5.08 11.72 13.83
CA ILE B 140 -5.71 10.81 14.78
C ILE B 140 -5.50 9.40 14.26
N ASP B 141 -4.87 8.55 15.06
CA ASP B 141 -4.56 7.19 14.66
C ASP B 141 -5.21 6.24 15.66
N LEU B 142 -5.82 5.17 15.17
CA LEU B 142 -6.40 4.19 16.08
C LEU B 142 -5.41 3.04 16.30
N GLU B 143 -5.18 2.72 17.58
CA GLU B 143 -4.10 1.82 17.96
C GLU B 143 -4.66 0.45 18.28
N LYS B 144 -4.11 -0.58 17.63
CA LYS B 144 -4.42 -2.00 17.86
C LYS B 144 -5.92 -2.28 17.72
N PHE B 145 -6.42 -2.13 16.49
CA PHE B 145 -7.85 -1.86 16.27
C PHE B 145 -8.73 -3.03 16.70
N PHE B 146 -8.57 -4.20 16.07
CA PHE B 146 -9.47 -5.31 16.35
C PHE B 146 -9.21 -5.92 17.73
N ASP B 147 -8.07 -5.62 18.33
CA ASP B 147 -7.85 -5.97 19.72
C ASP B 147 -8.63 -5.04 20.65
N THR B 148 -8.70 -3.75 20.31
CA THR B 148 -9.23 -2.77 21.24
C THR B 148 -10.76 -2.82 21.32
N VAL B 149 -11.43 -3.12 20.19
CA VAL B 149 -12.88 -3.11 20.18
C VAL B 149 -13.43 -4.25 21.04
N ASN B 150 -14.52 -3.97 21.72
CA ASN B 150 -15.33 -5.03 22.27
C ASN B 150 -16.29 -5.51 21.19
N HIS B 151 -16.63 -6.79 21.26
CA HIS B 151 -17.37 -7.41 20.17
C HIS B 151 -18.85 -7.06 20.20
N ASP B 152 -19.38 -6.71 21.38
CA ASP B 152 -20.82 -6.56 21.54
C ASP B 152 -21.34 -5.28 20.91
N LYS B 153 -20.65 -4.15 21.13
CA LYS B 153 -21.07 -2.89 20.52
C LYS B 153 -20.84 -2.88 19.01
N LEU B 154 -19.73 -3.47 18.55
CA LEU B 154 -19.53 -3.65 17.12
C LEU B 154 -20.62 -4.51 16.52
N MET B 155 -21.02 -5.54 17.23
CA MET B 155 -21.92 -6.46 16.57
C MET B 155 -23.37 -5.99 16.67
N THR B 156 -23.70 -5.16 17.66
CA THR B 156 -25.02 -4.55 17.64
C THR B 156 -25.07 -3.36 16.69
N LEU B 157 -23.92 -2.76 16.35
CA LEU B 157 -23.91 -1.81 15.24
C LEU B 157 -24.20 -2.51 13.92
N ILE B 158 -23.57 -3.68 13.73
CA ILE B 158 -23.86 -4.51 12.56
C ILE B 158 -25.31 -4.97 12.59
N GLY B 159 -25.84 -5.26 13.77
CA GLY B 159 -27.24 -5.57 13.95
C GLY B 159 -28.21 -4.43 13.66
N ARG B 160 -27.77 -3.20 13.92
CA ARG B 160 -28.50 -2.00 13.53
C ARG B 160 -28.61 -1.96 12.01
N THR B 161 -27.52 -2.35 11.34
CA THR B 161 -27.59 -2.35 9.88
C THR B 161 -28.18 -3.65 9.31
N ILE B 162 -27.77 -4.82 9.84
CA ILE B 162 -28.18 -6.12 9.29
C ILE B 162 -29.23 -6.76 10.19
N LYS B 163 -30.33 -7.20 9.59
CA LYS B 163 -31.50 -7.69 10.32
C LYS B 163 -31.60 -9.21 10.39
N ASP B 164 -30.74 -9.95 9.70
CA ASP B 164 -30.84 -11.41 9.63
C ASP B 164 -29.91 -12.03 10.66
N GLY B 165 -30.48 -12.76 11.63
CA GLY B 165 -29.71 -13.22 12.77
C GLY B 165 -28.67 -14.28 12.45
N ASP B 166 -28.85 -15.00 11.33
CA ASP B 166 -27.84 -15.96 10.88
C ASP B 166 -26.53 -15.25 10.55
N VAL B 167 -26.62 -14.09 9.88
CA VAL B 167 -25.45 -13.29 9.54
C VAL B 167 -24.78 -12.78 10.80
N ILE B 168 -25.57 -12.32 11.77
CA ILE B 168 -25.06 -11.90 13.07
C ILE B 168 -24.35 -13.04 13.80
N SER B 169 -24.88 -14.26 13.77
CA SER B 169 -24.22 -15.38 14.45
C SER B 169 -22.90 -15.77 13.78
N ILE B 170 -22.88 -15.83 12.43
CA ILE B 170 -21.65 -16.24 11.75
C ILE B 170 -20.57 -15.15 11.85
N VAL B 171 -20.99 -13.87 11.80
CA VAL B 171 -20.00 -12.80 11.87
C VAL B 171 -19.39 -12.73 13.26
N ARG B 172 -20.24 -12.84 14.30
CA ARG B 172 -19.72 -12.89 15.68
C ARG B 172 -18.83 -14.10 15.91
N LYS B 173 -19.19 -15.24 15.31
CA LYS B 173 -18.38 -16.44 15.40
C LYS B 173 -17.03 -16.26 14.73
N TYR B 174 -16.96 -15.43 13.68
CA TYR B 174 -15.67 -15.12 13.07
C TYR B 174 -14.87 -14.12 13.90
N LEU B 175 -15.55 -13.17 14.55
CA LEU B 175 -14.85 -12.24 15.45
C LEU B 175 -14.30 -12.90 16.71
N VAL B 176 -14.97 -13.92 17.26
CA VAL B 176 -14.43 -14.54 18.47
C VAL B 176 -13.28 -15.47 18.12
N SER B 177 -13.15 -15.81 16.84
CA SER B 177 -12.03 -16.61 16.36
C SER B 177 -10.91 -15.73 15.81
N GLY B 195 -5.59 -9.12 6.46
CA GLY B 195 -6.23 -10.43 6.47
C GLY B 195 -7.32 -10.59 5.42
N GLY B 196 -8.30 -11.43 5.73
CA GLY B 196 -9.38 -11.67 4.79
C GLY B 196 -10.27 -10.46 4.64
N ASN B 197 -11.08 -10.46 3.57
CA ASN B 197 -11.82 -9.27 3.15
C ASN B 197 -12.95 -8.88 4.10
N LEU B 198 -13.32 -9.73 5.05
CA LEU B 198 -14.35 -9.35 6.02
C LEU B 198 -13.83 -8.30 7.01
N SER B 199 -12.58 -8.47 7.46
CA SER B 199 -12.05 -7.63 8.54
C SER B 199 -11.91 -6.14 8.20
N PRO B 200 -11.38 -5.71 7.03
CA PRO B 200 -11.38 -4.26 6.75
C PRO B 200 -12.77 -3.69 6.55
N LEU B 201 -13.71 -4.48 6.05
CA LEU B 201 -15.09 -4.04 5.93
C LEU B 201 -15.71 -3.76 7.28
N LEU B 202 -15.51 -4.66 8.24
CA LEU B 202 -16.07 -4.47 9.57
C LEU B 202 -15.35 -3.34 10.30
N ALA B 203 -14.05 -3.16 10.04
CA ALA B 203 -13.32 -2.01 10.56
C ALA B 203 -13.86 -0.70 10.00
N ASN B 204 -14.19 -0.67 8.72
CA ASN B 204 -14.72 0.55 8.12
C ASN B 204 -16.13 0.83 8.60
N ILE B 205 -16.89 -0.21 8.94
CA ILE B 205 -18.18 -0.05 9.62
C ILE B 205 -17.99 0.60 10.98
N MET B 206 -16.98 0.15 11.71
CA MET B 206 -16.69 0.74 13.02
C MET B 206 -16.25 2.20 12.92
N LEU B 207 -15.53 2.55 11.85
CA LEU B 207 -14.99 3.91 11.75
C LEU B 207 -15.91 4.84 10.98
N ASN B 208 -16.99 4.30 10.41
CA ASN B 208 -18.00 5.14 9.77
C ASN B 208 -18.74 6.02 10.77
N GLU B 209 -18.80 5.61 12.04
CA GLU B 209 -19.36 6.50 13.07
C GLU B 209 -18.45 7.69 13.31
N LEU B 210 -17.13 7.47 13.28
CA LEU B 210 -16.17 8.57 13.37
C LEU B 210 -16.32 9.52 12.19
N ASP B 211 -16.51 8.96 10.98
CA ASP B 211 -16.74 9.81 9.81
C ASP B 211 -18.07 10.55 9.90
N LYS B 212 -19.11 9.90 10.44
CA LYS B 212 -20.41 10.52 10.58
C LYS B 212 -20.37 11.69 11.55
N GLU B 213 -19.60 11.56 12.62
CA GLU B 213 -19.50 12.68 13.55
C GLU B 213 -18.51 13.72 13.08
N MET B 214 -17.62 13.38 12.12
CA MET B 214 -16.90 14.43 11.41
C MET B 214 -17.82 15.26 10.54
N GLU B 215 -18.74 14.61 9.86
CA GLU B 215 -19.69 15.33 9.01
C GLU B 215 -20.67 16.14 9.86
N LYS B 216 -21.04 15.60 11.02
CA LYS B 216 -21.93 16.31 11.93
C LYS B 216 -21.25 17.50 12.60
N ARG B 217 -19.99 17.31 13.03
CA ARG B 217 -19.26 18.35 13.75
C ARG B 217 -18.95 19.54 12.84
N GLY B 218 -18.79 19.28 11.54
CA GLY B 218 -18.52 20.34 10.58
C GLY B 218 -17.05 20.41 10.21
N LEU B 219 -16.42 19.27 10.05
CA LEU B 219 -14.97 19.16 9.90
C LEU B 219 -14.61 18.64 8.53
N ASN B 220 -13.43 19.06 8.05
CA ASN B 220 -12.91 18.61 6.77
C ASN B 220 -11.83 17.56 7.00
N PHE B 221 -11.98 16.41 6.35
CA PHE B 221 -11.11 15.28 6.64
C PHE B 221 -11.06 14.36 5.43
N VAL B 222 -10.03 13.51 5.41
CA VAL B 222 -10.00 12.30 4.61
C VAL B 222 -9.52 11.17 5.53
N ARG B 223 -10.05 9.97 5.32
CA ARG B 223 -9.68 8.82 6.14
C ARG B 223 -9.44 7.64 5.22
N TYR B 224 -8.32 6.96 5.39
CA TYR B 224 -8.07 5.79 4.56
C TYR B 224 -8.61 4.56 5.27
N ALA B 225 -7.93 4.13 6.34
CA ALA B 225 -8.40 3.00 7.14
C ALA B 225 -7.70 3.08 8.48
N ASP B 226 -8.41 3.57 9.49
CA ASP B 226 -7.97 3.86 10.86
C ASP B 226 -6.80 4.83 10.95
N ASP B 227 -6.40 5.42 9.82
CA ASP B 227 -5.52 6.58 9.78
C ASP B 227 -6.27 7.70 9.06
N CYS B 228 -6.53 8.76 9.79
CA CYS B 228 -7.34 9.87 9.32
C CYS B 228 -6.61 11.16 9.61
N ILE B 229 -6.61 12.05 8.63
CA ILE B 229 -6.16 13.42 8.87
C ILE B 229 -7.36 14.32 8.74
N ILE B 230 -7.48 15.28 9.66
CA ILE B 230 -8.59 16.20 9.74
C ILE B 230 -8.03 17.61 9.66
N MET B 231 -8.58 18.42 8.77
CA MET B 231 -7.98 19.68 8.37
C MET B 231 -8.86 20.83 8.84
N VAL B 232 -8.33 21.64 9.76
CA VAL B 232 -9.01 22.85 10.23
C VAL B 232 -8.03 24.01 10.15
N GLY B 233 -8.53 25.21 10.44
CA GLY B 233 -7.81 26.43 10.10
C GLY B 233 -6.87 26.97 11.15
N SER B 234 -7.00 26.58 12.42
CA SER B 234 -6.29 27.27 13.49
C SER B 234 -5.73 26.27 14.49
N GLU B 235 -4.73 26.73 15.24
CA GLU B 235 -4.06 25.87 16.21
C GLU B 235 -4.94 25.61 17.42
N MET B 236 -5.60 26.65 17.93
CA MET B 236 -6.56 26.50 19.02
C MET B 236 -7.71 25.61 18.59
N SER B 237 -8.18 25.81 17.37
CA SER B 237 -9.22 24.97 16.78
C SER B 237 -8.77 23.52 16.65
N ALA B 238 -7.53 23.30 16.21
CA ALA B 238 -7.06 21.94 16.01
C ALA B 238 -6.81 21.21 17.33
N ASN B 239 -6.31 21.93 18.34
CA ASN B 239 -6.14 21.32 19.67
C ASN B 239 -7.49 20.93 20.28
N ARG B 240 -8.47 21.83 20.17
CA ARG B 240 -9.81 21.54 20.68
C ARG B 240 -10.46 20.38 19.93
N VAL B 241 -10.29 20.35 18.60
CA VAL B 241 -10.78 19.25 17.77
C VAL B 241 -10.13 17.93 18.16
N MET B 242 -8.82 17.93 18.40
CA MET B 242 -8.08 16.73 18.78
C MET B 242 -8.55 16.16 20.12
N ARG B 243 -8.70 17.01 21.14
CA ARG B 243 -9.12 16.50 22.44
C ARG B 243 -10.58 16.05 22.42
N ASN B 244 -11.42 16.74 21.64
CA ASN B 244 -12.82 16.34 21.53
C ASN B 244 -12.97 15.01 20.79
N ILE B 245 -12.12 14.79 19.79
CA ILE B 245 -12.12 13.54 19.04
C ILE B 245 -11.63 12.38 19.89
N SER B 246 -10.56 12.61 20.66
CA SER B 246 -10.05 11.57 21.55
C SER B 246 -11.07 11.21 22.62
N ARG B 247 -11.76 12.21 23.18
CA ARG B 247 -12.84 11.95 24.13
C ARG B 247 -13.98 11.19 23.48
N PHE B 248 -14.33 11.52 22.24
CA PHE B 248 -15.40 10.81 21.54
C PHE B 248 -15.04 9.35 21.29
N ILE B 249 -13.83 9.08 20.82
CA ILE B 249 -13.44 7.71 20.48
C ILE B 249 -13.30 6.87 21.73
N GLU B 250 -12.69 7.42 22.79
CA GLU B 250 -12.55 6.66 24.02
C GLU B 250 -13.87 6.53 24.77
N GLU B 251 -14.83 7.42 24.53
CA GLU B 251 -16.13 7.34 25.20
C GLU B 251 -17.19 6.65 24.34
N LYS B 252 -17.49 7.22 23.17
CA LYS B 252 -18.62 6.72 22.39
C LYS B 252 -18.25 5.51 21.55
N LEU B 253 -17.11 5.57 20.86
CA LEU B 253 -16.70 4.48 19.99
C LEU B 253 -16.18 3.29 20.79
N GLY B 254 -15.39 3.54 21.83
CA GLY B 254 -14.80 2.53 22.65
C GLY B 254 -13.35 2.25 22.35
N LEU B 255 -12.86 2.68 21.19
CA LEU B 255 -11.46 2.50 20.85
C LEU B 255 -10.58 3.47 21.63
N LYS B 256 -9.30 3.11 21.79
CA LYS B 256 -8.34 3.98 22.44
C LYS B 256 -7.30 4.44 21.42
N VAL B 257 -7.13 5.76 21.32
CA VAL B 257 -6.18 6.35 20.38
C VAL B 257 -4.81 6.43 21.05
N ASN B 258 -3.78 6.59 20.24
CA ASN B 258 -2.42 6.51 20.74
C ASN B 258 -1.96 7.93 21.04
N MET B 259 -1.24 8.10 22.13
CA MET B 259 -0.76 9.43 22.47
C MET B 259 0.53 9.76 21.72
N THR B 260 1.18 8.77 21.13
CA THR B 260 2.45 9.03 20.47
C THR B 260 2.27 9.35 19.00
N LYS B 261 1.56 8.49 18.26
CA LYS B 261 1.41 8.66 16.82
C LYS B 261 0.41 9.76 16.49
N SER B 262 -0.68 9.87 17.25
CA SER B 262 -1.64 10.94 17.00
C SER B 262 -1.09 12.26 17.53
N LYS B 263 -1.18 13.30 16.70
CA LYS B 263 -0.54 14.57 16.99
C LYS B 263 -1.26 15.68 16.23
N VAL B 264 -0.81 16.91 16.47
CA VAL B 264 -1.18 18.06 15.66
C VAL B 264 0.08 18.55 14.96
N ASP B 265 -0.06 18.95 13.69
CA ASP B 265 1.10 19.34 12.91
C ASP B 265 0.68 20.22 11.75
N ARG B 266 1.66 20.97 11.25
CA ARG B 266 1.56 21.67 9.99
C ARG B 266 1.68 20.64 8.86
N PRO B 267 1.26 20.97 7.63
CA PRO B 267 1.42 20.02 6.52
C PRO B 267 2.87 19.71 6.19
N SER B 268 3.82 20.57 6.55
CA SER B 268 5.23 20.27 6.36
C SER B 268 5.66 19.08 7.22
N GLY B 269 5.03 18.89 8.37
CA GLY B 269 5.33 17.77 9.24
C GLY B 269 4.39 16.60 9.16
N LEU B 270 3.55 16.55 8.13
CA LEU B 270 2.50 15.54 8.01
C LEU B 270 2.83 14.53 6.92
N LYS B 271 2.85 13.25 7.29
CA LYS B 271 2.93 12.16 6.33
C LYS B 271 1.60 11.42 6.35
N TYR B 272 1.19 10.95 5.19
CA TYR B 272 -0.11 10.32 5.01
C TYR B 272 -0.07 9.43 3.78
N LEU B 273 -0.19 8.13 4.00
CA LEU B 273 -0.20 7.09 2.96
C LEU B 273 1.05 7.15 2.09
N GLY B 274 2.19 7.40 2.75
CA GLY B 274 3.47 7.46 2.08
C GLY B 274 3.86 8.81 1.53
N PHE B 275 2.97 9.80 1.58
CA PHE B 275 3.21 11.10 0.98
C PHE B 275 3.60 12.10 2.04
N GLY B 276 4.73 12.79 1.83
CA GLY B 276 4.99 14.01 2.56
C GLY B 276 4.32 15.19 1.91
N PHE B 277 4.45 16.36 2.51
CA PHE B 277 3.82 17.53 1.92
C PHE B 277 4.75 18.73 2.04
N TYR B 278 4.47 19.72 1.19
CA TYR B 278 5.23 20.97 1.15
C TYR B 278 4.32 22.04 0.58
N PHE B 279 4.79 23.28 0.69
CA PHE B 279 4.13 24.46 0.15
C PHE B 279 4.93 24.94 -1.05
N ASP B 280 4.27 25.06 -2.18
CA ASP B 280 4.82 25.63 -3.41
C ASP B 280 5.20 27.11 -3.16
N PRO B 281 6.33 27.69 -3.75
CA PRO B 281 6.58 29.02 -3.41
C PRO B 281 5.53 30.05 -3.77
N ARG B 282 4.68 29.78 -4.75
CA ARG B 282 3.49 30.58 -5.01
C ARG B 282 2.33 30.01 -4.19
N ALA B 283 1.36 30.86 -3.83
CA ALA B 283 0.37 30.46 -2.82
C ALA B 283 -0.78 29.64 -3.41
N HIS B 284 -0.73 29.38 -4.71
CA HIS B 284 -1.80 28.71 -5.42
C HIS B 284 -1.97 27.26 -4.99
N GLN B 285 -0.87 26.57 -4.64
CA GLN B 285 -0.98 25.16 -4.35
C GLN B 285 -0.21 24.75 -3.10
N PHE B 286 -0.82 23.86 -2.33
CA PHE B 286 -0.10 22.88 -1.53
C PHE B 286 0.13 21.69 -2.43
N LYS B 287 1.33 21.12 -2.41
CA LYS B 287 1.70 20.09 -3.35
C LYS B 287 2.24 18.87 -2.64
N ALA B 288 1.87 17.69 -3.14
CA ALA B 288 2.25 16.43 -2.53
C ALA B 288 3.70 16.12 -2.81
N LYS B 289 4.35 15.48 -1.84
CA LYS B 289 5.74 15.13 -1.95
C LYS B 289 5.91 13.68 -1.52
N PRO B 290 6.69 12.88 -2.22
CA PRO B 290 7.09 11.59 -1.66
C PRO B 290 7.87 11.77 -0.37
N HIS B 291 7.35 11.16 0.70
CA HIS B 291 7.95 11.31 2.01
C HIS B 291 9.29 10.61 2.06
N ALA B 292 10.12 11.02 3.01
CA ALA B 292 11.48 10.49 3.12
C ALA B 292 11.48 9.00 3.47
N LYS B 293 10.44 8.54 4.15
CA LYS B 293 10.32 7.12 4.45
C LYS B 293 10.03 6.31 3.19
N SER B 294 9.17 6.82 2.32
CA SER B 294 8.86 6.12 1.07
C SER B 294 10.04 6.16 0.11
N VAL B 295 10.76 7.29 0.08
CA VAL B 295 11.98 7.40 -0.71
C VAL B 295 13.03 6.43 -0.19
N ALA B 296 13.14 6.29 1.14
CA ALA B 296 14.11 5.36 1.70
C ALA B 296 13.72 3.90 1.43
N LYS B 297 12.42 3.61 1.42
CA LYS B 297 11.94 2.28 1.05
C LYS B 297 12.29 1.96 -0.41
N PHE B 298 12.07 2.91 -1.31
CA PHE B 298 12.44 2.71 -2.70
C PHE B 298 13.94 2.54 -2.86
N LYS B 299 14.74 3.33 -2.15
CA LYS B 299 16.19 3.22 -2.26
C LYS B 299 16.69 1.89 -1.72
N LYS B 300 16.05 1.39 -0.66
CA LYS B 300 16.40 0.08 -0.12
C LYS B 300 16.13 -1.04 -1.13
N ARG B 301 14.96 -1.00 -1.76
CA ARG B 301 14.63 -2.03 -2.74
C ARG B 301 15.50 -1.91 -4.00
N MET B 302 15.82 -0.68 -4.41
CA MET B 302 16.69 -0.47 -5.57
C MET B 302 18.12 -0.94 -5.29
N LYS B 303 18.63 -0.68 -4.08
CA LYS B 303 19.97 -1.15 -3.73
C LYS B 303 20.00 -2.66 -3.59
N GLU B 304 18.88 -3.28 -3.24
CA GLU B 304 18.79 -4.73 -3.30
C GLU B 304 18.83 -5.23 -4.74
N LEU B 305 18.09 -4.56 -5.63
CA LEU B 305 17.95 -5.05 -6.99
C LEU B 305 19.19 -4.79 -7.83
N THR B 306 20.06 -3.90 -7.37
CA THR B 306 21.28 -3.60 -8.09
C THR B 306 22.52 -3.99 -7.30
N CYS B 307 22.53 -5.19 -6.71
CA CYS B 307 23.70 -5.65 -5.98
C CYS B 307 24.75 -6.14 -6.96
N ARG B 308 26.02 -5.83 -6.67
CA ARG B 308 27.11 -6.23 -7.55
C ARG B 308 27.32 -7.73 -7.54
N SER B 309 27.25 -8.35 -6.36
CA SER B 309 27.56 -9.76 -6.22
C SER B 309 26.38 -10.65 -6.56
N TRP B 310 25.22 -10.07 -6.82
CA TRP B 310 24.04 -10.82 -7.21
C TRP B 310 24.27 -11.51 -8.55
N GLY B 311 24.22 -12.84 -8.55
CA GLY B 311 24.74 -13.64 -9.64
C GLY B 311 23.88 -13.72 -10.87
N VAL B 312 22.72 -13.05 -10.87
CA VAL B 312 21.87 -13.06 -12.05
C VAL B 312 22.44 -12.16 -13.13
N SER B 313 21.91 -12.31 -14.34
CA SER B 313 22.31 -11.47 -15.46
C SER B 313 21.79 -10.05 -15.27
N ASN B 314 22.52 -9.08 -15.81
CA ASN B 314 22.17 -7.68 -15.59
C ASN B 314 20.91 -7.28 -16.32
N SER B 315 20.50 -8.03 -17.34
CA SER B 315 19.20 -7.81 -17.95
C SER B 315 18.08 -8.15 -16.98
N TYR B 316 18.29 -9.17 -16.15
CA TYR B 316 17.31 -9.53 -15.13
C TYR B 316 17.22 -8.46 -14.03
N LYS B 317 18.38 -7.94 -13.60
CA LYS B 317 18.40 -6.83 -12.65
C LYS B 317 17.72 -5.60 -13.21
N VAL B 318 17.96 -5.32 -14.50
CA VAL B 318 17.34 -4.18 -15.16
C VAL B 318 15.84 -4.36 -15.24
N GLU B 319 15.38 -5.59 -15.52
CA GLU B 319 13.94 -5.86 -15.62
C GLU B 319 13.25 -5.74 -14.27
N LYS B 320 13.85 -6.28 -13.20
CA LYS B 320 13.28 -6.15 -11.87
C LYS B 320 13.29 -4.71 -11.40
N LEU B 321 14.39 -3.98 -11.69
CA LEU B 321 14.46 -2.55 -11.41
C LEU B 321 13.39 -1.78 -12.15
N ASN B 322 13.13 -2.16 -13.41
CA ASN B 322 12.10 -1.50 -14.19
C ASN B 322 10.73 -1.71 -13.57
N GLN B 323 10.41 -2.95 -13.16
CA GLN B 323 9.11 -3.23 -12.53
C GLN B 323 8.94 -2.46 -11.22
N LEU B 324 10.01 -2.37 -10.42
CA LEU B 324 9.97 -1.56 -9.20
C LEU B 324 9.78 -0.08 -9.51
N ILE B 325 10.41 0.41 -10.58
CA ILE B 325 10.28 1.81 -10.99
C ILE B 325 8.85 2.09 -11.43
N ARG B 326 8.24 1.20 -12.23
CA ARG B 326 6.82 1.36 -12.60
C ARG B 326 5.92 1.40 -11.40
N GLY B 327 6.12 0.51 -10.43
CA GLY B 327 5.27 0.49 -9.24
C GLY B 327 5.38 1.78 -8.43
N TRP B 328 6.62 2.23 -8.21
CA TRP B 328 6.82 3.43 -7.40
C TRP B 328 6.35 4.71 -8.11
N ILE B 329 6.63 4.83 -9.41
CA ILE B 329 6.20 6.01 -10.15
C ILE B 329 4.68 6.02 -10.30
N ASN B 330 4.06 4.84 -10.46
CA ASN B 330 2.61 4.79 -10.51
C ASN B 330 1.98 5.13 -9.16
N TYR B 331 2.68 4.86 -8.07
CA TYR B 331 2.16 5.29 -6.78
C TYR B 331 2.33 6.80 -6.58
N PHE B 332 3.48 7.36 -6.98
CA PHE B 332 3.81 8.74 -6.61
C PHE B 332 3.79 9.73 -7.77
N LYS B 333 3.15 9.41 -8.89
CA LYS B 333 3.11 10.33 -10.02
C LYS B 333 2.26 11.55 -9.74
N ILE B 334 1.42 11.51 -8.69
CA ILE B 334 0.62 12.66 -8.33
C ILE B 334 1.40 13.57 -7.38
N GLY B 335 2.56 13.11 -6.89
CA GLY B 335 3.46 13.95 -6.15
C GLY B 335 4.38 14.73 -7.07
N SER B 336 5.23 15.55 -6.45
CA SER B 336 6.21 16.34 -7.18
C SER B 336 7.59 15.86 -6.79
N MET B 337 8.26 15.15 -7.71
CA MET B 337 9.52 14.49 -7.39
C MET B 337 10.52 14.51 -8.53
N LYS B 338 10.51 15.55 -9.37
CA LYS B 338 11.30 15.55 -10.60
C LYS B 338 12.80 15.57 -10.31
N THR B 339 13.22 16.42 -9.37
CA THR B 339 14.62 16.42 -8.95
C THR B 339 14.97 15.11 -8.27
N LEU B 340 14.04 14.57 -7.48
CA LEU B 340 14.23 13.26 -6.85
C LEU B 340 14.32 12.16 -7.89
N CYS B 341 13.49 12.23 -8.94
CA CYS B 341 13.51 11.23 -10.00
C CYS B 341 14.82 11.26 -10.78
N LYS B 342 15.34 12.46 -11.08
CA LYS B 342 16.60 12.52 -11.83
C LYS B 342 17.80 12.13 -10.96
N GLU B 343 17.76 12.44 -9.66
CA GLU B 343 18.83 12.02 -8.76
C GLU B 343 18.82 10.51 -8.56
N LEU B 344 17.61 9.93 -8.47
CA LEU B 344 17.50 8.49 -8.33
C LEU B 344 17.87 7.78 -9.62
N ASP B 345 17.62 8.42 -10.77
CA ASP B 345 18.08 7.90 -12.05
C ASP B 345 19.58 7.81 -12.11
N SER B 346 20.27 8.87 -11.68
CA SER B 346 21.72 8.87 -11.64
C SER B 346 22.26 7.82 -10.69
N ARG B 347 21.58 7.63 -9.55
CA ARG B 347 21.97 6.59 -8.60
C ARG B 347 21.82 5.19 -9.19
N ILE B 348 20.71 4.94 -9.87
CA ILE B 348 20.44 3.64 -10.50
C ILE B 348 21.47 3.36 -11.60
N ARG B 349 21.79 4.37 -12.42
CA ARG B 349 22.76 4.19 -13.49
C ARG B 349 24.16 3.94 -12.95
N TYR B 350 24.53 4.63 -11.87
CA TYR B 350 25.81 4.39 -11.20
C TYR B 350 25.90 2.97 -10.65
N ARG B 351 24.83 2.51 -10.01
CA ARG B 351 24.83 1.16 -9.43
C ARG B 351 24.82 0.10 -10.52
N LEU B 352 24.18 0.37 -11.65
CA LEU B 352 24.19 -0.57 -12.77
C LEU B 352 25.55 -0.61 -13.45
N ARG B 353 26.25 0.53 -13.52
CA ARG B 353 27.61 0.53 -14.04
C ARG B 353 28.54 -0.26 -13.13
N MET B 354 28.36 -0.14 -11.82
CA MET B 354 29.14 -0.96 -10.89
C MET B 354 28.82 -2.45 -11.06
N CYS B 355 27.54 -2.77 -11.31
CA CYS B 355 27.16 -4.16 -11.57
C CYS B 355 27.79 -4.71 -12.82
N ILE B 356 27.76 -3.94 -13.92
CA ILE B 356 28.32 -4.37 -15.20
C ILE B 356 29.83 -4.54 -15.09
N TRP B 357 30.50 -3.59 -14.43
CA TRP B 357 31.94 -3.64 -14.24
C TRP B 357 32.36 -4.80 -13.37
N LYS B 358 31.57 -5.13 -12.34
CA LYS B 358 31.91 -6.25 -11.48
C LYS B 358 31.61 -7.57 -12.17
N GLN B 359 30.65 -7.57 -13.10
CA GLN B 359 30.37 -8.77 -13.87
C GLN B 359 31.47 -9.03 -14.90
N TRP B 360 32.12 -7.98 -15.40
CA TRP B 360 33.28 -8.18 -16.26
C TRP B 360 34.44 -8.79 -15.50
N LYS B 361 34.67 -8.34 -14.25
CA LYS B 361 35.41 -8.99 -13.18
C LYS B 361 36.91 -9.01 -13.38
N THR B 362 37.40 -8.68 -14.58
CA THR B 362 38.71 -9.13 -14.94
C THR B 362 39.31 -8.03 -15.81
N PRO B 363 40.57 -7.62 -15.55
CA PRO B 363 41.16 -6.48 -16.30
C PRO B 363 41.27 -6.68 -17.81
N GLN B 364 41.56 -7.88 -18.28
CA GLN B 364 41.52 -8.13 -19.72
C GLN B 364 40.09 -8.12 -20.25
N ASN B 365 39.13 -8.64 -19.47
CA ASN B 365 37.72 -8.58 -19.89
C ASN B 365 37.18 -7.15 -19.84
N GLN B 366 37.58 -6.39 -18.82
CA GLN B 366 37.19 -4.98 -18.72
C GLN B 366 37.80 -4.16 -19.86
N GLU B 367 39.07 -4.41 -20.17
CA GLU B 367 39.72 -3.72 -21.29
C GLU B 367 39.09 -4.08 -22.63
N LYS B 368 38.76 -5.36 -22.82
CA LYS B 368 38.14 -5.81 -24.06
C LYS B 368 36.77 -5.16 -24.26
N ASN B 369 35.97 -5.08 -23.20
CA ASN B 369 34.64 -4.49 -23.34
C ASN B 369 34.71 -2.98 -23.45
N LEU B 370 35.69 -2.33 -22.80
CA LEU B 370 35.85 -0.90 -22.96
C LEU B 370 36.32 -0.54 -24.36
N VAL B 371 37.20 -1.35 -24.95
CA VAL B 371 37.61 -1.14 -26.34
C VAL B 371 36.44 -1.38 -27.27
N LYS B 372 35.62 -2.39 -26.97
CA LYS B 372 34.45 -2.72 -27.78
C LYS B 372 33.42 -1.58 -27.76
N LEU B 373 33.23 -0.94 -26.61
CA LEU B 373 32.24 0.11 -26.51
C LEU B 373 32.74 1.48 -26.98
N GLY B 374 34.00 1.59 -27.40
CA GLY B 374 34.46 2.79 -28.05
C GLY B 374 35.55 3.56 -27.37
N ILE B 375 36.13 3.04 -26.29
CA ILE B 375 37.25 3.72 -25.65
C ILE B 375 38.53 3.32 -26.34
N ASP B 376 39.46 4.26 -26.47
CA ASP B 376 40.75 3.93 -27.08
C ASP B 376 41.56 3.05 -26.13
N ARG B 377 42.49 2.29 -26.69
CA ARG B 377 43.12 1.18 -25.98
C ARG B 377 44.01 1.66 -24.83
N ASN B 378 44.58 2.86 -24.96
CA ASN B 378 45.40 3.43 -23.90
C ASN B 378 44.56 3.70 -22.64
N THR B 379 43.45 4.43 -22.81
CA THR B 379 42.58 4.75 -21.69
C THR B 379 41.86 3.50 -21.20
N ALA B 380 41.50 2.59 -22.11
CA ALA B 380 40.82 1.37 -21.72
C ALA B 380 41.71 0.47 -20.87
N ARG B 381 42.99 0.35 -21.23
CA ARG B 381 43.91 -0.43 -20.40
C ARG B 381 44.18 0.26 -19.06
N ARG B 382 44.29 1.59 -19.07
CA ARG B 382 44.52 2.33 -17.83
C ARG B 382 43.35 2.20 -16.86
N VAL B 383 42.11 2.27 -17.36
CA VAL B 383 40.93 2.12 -16.52
C VAL B 383 40.74 0.67 -16.10
N ALA B 384 41.04 -0.27 -17.00
CA ALA B 384 40.82 -1.68 -16.71
C ALA B 384 41.82 -2.22 -15.68
N TYR B 385 43.01 -1.64 -15.61
CA TYR B 385 43.89 -2.04 -14.53
C TYR B 385 43.66 -1.21 -13.27
N THR B 386 42.69 -0.32 -13.29
CA THR B 386 42.02 0.20 -12.11
C THR B 386 40.67 -0.47 -11.90
N GLY B 387 40.57 -1.78 -12.12
CA GLY B 387 39.31 -2.47 -11.96
C GLY B 387 38.84 -2.55 -10.52
N LYS B 388 39.73 -2.91 -9.60
CA LYS B 388 39.53 -2.57 -8.22
C LYS B 388 39.63 -1.06 -8.10
N ARG B 389 38.97 -0.49 -7.08
CA ARG B 389 38.32 0.83 -7.04
C ARG B 389 37.14 0.83 -8.01
N ILE B 390 36.15 -0.04 -7.73
CA ILE B 390 34.95 -0.17 -8.57
C ILE B 390 34.13 1.11 -8.54
N ALA B 391 33.87 1.64 -7.35
CA ALA B 391 33.02 2.82 -7.20
C ALA B 391 33.66 4.06 -7.84
N TYR B 392 34.99 4.19 -7.70
CA TYR B 392 35.69 5.34 -8.23
C TYR B 392 35.68 5.36 -9.75
N VAL B 393 35.99 4.24 -10.38
CA VAL B 393 36.08 4.24 -11.84
C VAL B 393 34.69 4.22 -12.45
N CYS B 394 33.69 3.73 -11.71
CA CYS B 394 32.34 3.74 -12.25
C CYS B 394 31.68 5.09 -12.02
N ASN B 395 32.29 5.94 -11.19
CA ASN B 395 31.79 7.29 -10.99
C ASN B 395 32.03 8.16 -12.23
N LYS B 396 33.19 8.00 -12.87
CA LYS B 396 33.72 9.03 -13.76
C LYS B 396 34.36 8.42 -14.99
N GLY B 397 34.46 9.23 -16.04
CA GLY B 397 35.44 8.98 -17.08
C GLY B 397 35.02 7.98 -18.14
N ALA B 398 35.87 6.98 -18.33
CA ALA B 398 35.73 6.07 -19.47
C ALA B 398 34.58 5.11 -19.27
N VAL B 399 34.31 4.70 -18.03
CA VAL B 399 33.15 3.86 -17.75
C VAL B 399 31.86 4.64 -17.94
N ASN B 400 31.89 5.95 -17.67
CA ASN B 400 30.72 6.78 -17.90
C ASN B 400 30.50 7.04 -19.40
N VAL B 401 31.55 6.96 -20.20
CA VAL B 401 31.41 7.19 -21.64
C VAL B 401 31.02 5.89 -22.35
N ALA B 402 31.68 4.79 -22.01
CA ALA B 402 31.37 3.50 -22.61
C ALA B 402 30.00 2.99 -22.16
N ILE B 403 29.74 2.97 -20.87
CA ILE B 403 28.41 2.66 -20.37
C ILE B 403 27.68 3.99 -20.24
N SER B 404 27.10 4.45 -21.34
CA SER B 404 26.44 5.75 -21.39
C SER B 404 24.95 5.60 -21.04
N ASN B 405 24.29 6.74 -20.87
CA ASN B 405 22.86 6.74 -20.61
C ASN B 405 22.08 6.22 -21.81
N LYS B 406 22.56 6.54 -23.02
CA LYS B 406 21.95 6.03 -24.24
C LYS B 406 22.09 4.51 -24.33
N ARG B 407 23.26 4.00 -23.96
CA ARG B 407 23.49 2.57 -24.07
C ARG B 407 22.75 1.80 -22.98
N LEU B 408 22.60 2.39 -21.80
CA LEU B 408 21.77 1.77 -20.77
C LEU B 408 20.30 1.84 -21.13
N ALA B 409 19.87 2.91 -21.81
CA ALA B 409 18.49 3.00 -22.27
C ALA B 409 18.19 1.97 -23.34
N SER B 410 19.13 1.75 -24.26
CA SER B 410 18.96 0.70 -25.26
C SER B 410 19.15 -0.69 -24.66
N PHE B 411 19.84 -0.77 -23.51
CA PHE B 411 19.97 -2.03 -22.80
C PHE B 411 18.63 -2.47 -22.20
N GLY B 412 17.78 -1.53 -21.84
CA GLY B 412 16.47 -1.87 -21.33
C GLY B 412 16.08 -1.08 -20.10
N LEU B 413 16.99 -0.25 -19.60
CA LEU B 413 16.73 0.51 -18.40
C LEU B 413 15.78 1.67 -18.70
N ILE B 414 14.78 1.83 -17.85
CA ILE B 414 13.80 2.91 -17.95
C ILE B 414 14.21 4.03 -17.01
N SER B 415 14.23 5.25 -17.53
CA SER B 415 14.48 6.40 -16.70
C SER B 415 13.28 6.70 -15.83
N MET B 416 13.53 7.05 -14.56
CA MET B 416 12.49 7.57 -13.70
C MET B 416 11.96 8.89 -14.20
N LEU B 417 12.84 9.75 -14.72
CA LEU B 417 12.39 11.06 -15.16
C LEU B 417 11.44 10.95 -16.34
N ASP B 418 11.80 10.17 -17.37
CA ASP B 418 10.99 10.11 -18.59
C ASP B 418 9.63 9.45 -18.34
N TYR B 419 9.62 8.38 -17.54
CA TYR B 419 8.37 7.73 -17.16
C TYR B 419 7.52 8.64 -16.28
N TYR B 420 8.17 9.46 -15.44
CA TYR B 420 7.45 10.40 -14.59
C TYR B 420 6.79 11.50 -15.40
N ILE B 421 7.52 12.10 -16.36
CA ILE B 421 6.92 13.12 -17.23
C ILE B 421 5.83 12.52 -18.12
N GLU B 422 5.99 11.25 -18.53
CA GLU B 422 4.94 10.60 -19.31
C GLU B 422 3.69 10.35 -18.48
N LYS B 423 3.86 10.03 -17.19
CA LYS B 423 2.71 9.66 -16.35
C LYS B 423 1.83 10.87 -16.05
N CYS B 424 2.42 12.00 -15.67
CA CYS B 424 1.61 13.20 -15.48
C CYS B 424 1.86 14.20 -16.61
#